data_9RE4
#
_entry.id   9RE4
#
_cell.length_a   52.073
_cell.length_b   71.454
_cell.length_c   97.809
_cell.angle_alpha   90.000
_cell.angle_beta   90.000
_cell.angle_gamma   90.000
#
_symmetry.space_group_name_H-M   'P 21 21 21'
#
loop_
_entity.id
_entity.type
_entity.pdbx_description
1 polymer 'cAMP-dependent protein kinase catalytic subunit alpha'
2 non-polymer 'TETRAETHYLENE GLYCOL'
3 non-polymer 2-(4-chlorophenyl)-5-[(3~{S})-pyrrolidin-3-yl]-1,3,4-oxadiazole
4 non-polymer DI(HYDROXYETHYL)ETHER
5 non-polymer 'DIMETHYL SULFOXIDE'
6 water water
#
_entity_poly.entity_id   1
_entity_poly.type   'polypeptide(L)'
_entity_poly.pdbx_seq_one_letter_code
;GHMGNAAAAKKGSEQESVKEFLAKAKEEFLKKWESPSQNTAQLDHFDRIKTLGTGSFGRVMLVKHKETGNHYAMKILDKQ
KVVKLKQIEHTLNEKRILQAVNFPFLVKLEFSFKDNSNLYMVMEYVPGGEMFSHLRRIGRF(SEP)EPHARFYAAQIVLT
FEYLHSLDLIYRDLKPENLLIDQQGYIQVTDFGFAKRVKGRTW(TPO)LCGTPEYLAPEIILSKGYNKAVDWWALGVLIY
EMAAGYPPFFADQPIQIYEKIVSGKVRFPSHFSSDLKDLLRNLLQVDLTKRFGNLKNGVNDIKNHKWFATTDWIAIYQRK
VEAPFIPKFKGPGDTSNFDDYEEEEIRV(SEP)INEKCGKEFTEF
;
_entity_poly.pdbx_strand_id   A
#
loop_
_chem_comp.id
_chem_comp.type
_chem_comp.name
_chem_comp.formula
A1JEZ non-polymer 2-(4-chlorophenyl)-5-[(3~{S})-pyrrolidin-3-yl]-1,3,4-oxadiazole 'C12 H12 Cl N3 O'
DMS non-polymer 'DIMETHYL SULFOXIDE' 'C2 H6 O S'
PEG non-polymer DI(HYDROXYETHYL)ETHER 'C4 H10 O3'
PG4 non-polymer 'TETRAETHYLENE GLYCOL' 'C8 H18 O5'
#
# COMPACT_ATOMS: atom_id res chain seq x y z
N SER A 13 -8.49 -28.90 -1.08
CA SER A 13 -7.71 -27.91 -0.35
C SER A 13 -8.59 -26.75 0.12
N GLU A 14 -8.84 -25.79 -0.76
CA GLU A 14 -9.61 -24.59 -0.41
C GLU A 14 -11.09 -24.82 -0.66
N GLN A 15 -11.91 -24.10 0.09
CA GLN A 15 -13.35 -24.21 -0.08
C GLN A 15 -13.76 -23.62 -1.43
N GLU A 16 -14.76 -24.25 -2.06
CA GLU A 16 -15.24 -23.79 -3.36
C GLU A 16 -15.77 -22.35 -3.28
N SER A 17 -16.33 -21.95 -2.14
CA SER A 17 -16.79 -20.57 -2.01
C SER A 17 -15.63 -19.59 -2.16
N VAL A 18 -14.47 -19.93 -1.61
CA VAL A 18 -13.29 -19.07 -1.73
C VAL A 18 -12.76 -19.05 -3.16
N LYS A 19 -12.67 -20.23 -3.79
CA LYS A 19 -12.24 -20.28 -5.19
C LYS A 19 -13.17 -19.51 -6.10
N GLU A 20 -14.49 -19.61 -5.86
CA GLU A 20 -15.43 -18.88 -6.72
C GLU A 20 -15.34 -17.38 -6.48
N PHE A 21 -15.15 -16.97 -5.23
CA PHE A 21 -14.98 -15.55 -4.94
C PHE A 21 -13.78 -14.99 -5.70
N LEU A 22 -12.64 -15.67 -5.63
CA LEU A 22 -11.44 -15.16 -6.29
C LEU A 22 -11.56 -15.23 -7.81
N ALA A 23 -12.28 -16.23 -8.34
CA ALA A 23 -12.46 -16.31 -9.78
C ALA A 23 -13.30 -15.14 -10.30
N LYS A 24 -14.36 -14.78 -9.58
CA LYS A 24 -15.15 -13.61 -9.95
C LYS A 24 -14.35 -12.33 -9.77
N ALA A 25 -13.55 -12.25 -8.71
CA ALA A 25 -12.72 -11.05 -8.51
C ALA A 25 -11.79 -10.84 -9.70
N LYS A 26 -11.22 -11.93 -10.23
CA LYS A 26 -10.32 -11.79 -11.38
C LYS A 26 -11.07 -11.40 -12.65
N GLU A 27 -12.24 -12.01 -12.88
CA GLU A 27 -13.08 -11.64 -14.01
C GLU A 27 -13.40 -10.16 -14.01
N GLU A 28 -13.77 -9.62 -12.85
CA GLU A 28 -14.14 -8.21 -12.78
C GLU A 28 -12.92 -7.30 -12.97
N PHE A 29 -11.78 -7.68 -12.37
CA PHE A 29 -10.55 -6.92 -12.57
C PHE A 29 -10.16 -6.88 -14.04
N LEU A 30 -10.21 -8.02 -14.72
CA LEU A 30 -9.71 -8.06 -16.10
C LEU A 30 -10.58 -7.23 -17.04
N LYS A 31 -11.89 -7.18 -16.80
CA LYS A 31 -12.74 -6.34 -17.66
C LYS A 31 -12.33 -4.87 -17.61
N LYS A 32 -12.08 -4.34 -16.40
CA LYS A 32 -11.60 -2.97 -16.28
C LYS A 32 -10.15 -2.82 -16.73
N TRP A 33 -9.32 -3.84 -16.50
CA TRP A 33 -7.91 -3.79 -16.89
C TRP A 33 -7.76 -3.63 -18.39
N GLU A 34 -8.61 -4.33 -19.15
CA GLU A 34 -8.52 -4.34 -20.60
C GLU A 34 -9.19 -3.13 -21.23
N SER A 35 -10.03 -2.41 -20.51
CA SER A 35 -10.70 -1.20 -21.01
C SER A 35 -10.69 -0.13 -19.93
N PRO A 36 -9.56 0.52 -19.70
CA PRO A 36 -9.46 1.46 -18.57
C PRO A 36 -10.26 2.74 -18.81
N SER A 37 -10.77 3.31 -17.73
CA SER A 37 -11.38 4.62 -17.82
C SER A 37 -10.29 5.70 -17.86
N GLN A 38 -10.63 6.82 -18.48
CA GLN A 38 -9.73 7.95 -18.65
C GLN A 38 -10.55 9.23 -18.60
N ASN A 39 -9.92 10.30 -18.14
CA ASN A 39 -10.44 11.66 -18.29
C ASN A 39 -11.84 11.83 -17.69
N THR A 40 -11.97 11.48 -16.41
CA THR A 40 -13.28 11.47 -15.77
C THR A 40 -13.58 12.69 -14.92
N ALA A 41 -12.68 13.66 -14.85
CA ALA A 41 -12.96 14.99 -14.25
C ALA A 41 -11.93 15.99 -14.78
N GLN A 42 -11.91 17.19 -14.18
CA GLN A 42 -10.87 18.17 -14.48
C GLN A 42 -10.57 19.00 -13.23
N LEU A 43 -9.46 19.73 -13.27
CA LEU A 43 -8.95 20.37 -12.05
C LEU A 43 -9.91 21.42 -11.51
N ASP A 44 -10.47 22.26 -12.40
CA ASP A 44 -11.35 23.30 -11.87
C ASP A 44 -12.73 22.78 -11.41
N HIS A 45 -12.96 21.46 -11.36
CA HIS A 45 -14.12 20.93 -10.65
C HIS A 45 -13.93 20.86 -9.14
N PHE A 46 -12.73 21.16 -8.64
CA PHE A 46 -12.41 21.00 -7.23
C PHE A 46 -11.86 22.29 -6.64
N ASP A 47 -12.07 22.46 -5.34
CA ASP A 47 -11.41 23.49 -4.55
C ASP A 47 -10.28 22.84 -3.78
N ARG A 48 -9.12 23.49 -3.73
CA ARG A 48 -7.98 22.98 -2.96
C ARG A 48 -8.09 23.40 -1.50
N ILE A 49 -7.80 22.47 -0.59
N ILE A 49 -7.81 22.47 -0.59
CA ILE A 49 -7.94 22.69 0.86
CA ILE A 49 -7.92 22.72 0.86
C ILE A 49 -6.59 22.70 1.58
C ILE A 49 -6.54 22.74 1.53
N LYS A 50 -5.79 21.65 1.43
CA LYS A 50 -4.55 21.51 2.19
C LYS A 50 -3.68 20.43 1.57
N THR A 51 -2.36 20.61 1.67
CA THR A 51 -1.42 19.58 1.26
C THR A 51 -1.33 18.55 2.39
N LEU A 52 -1.58 17.27 2.07
CA LEU A 52 -1.54 16.20 3.06
C LEU A 52 -0.20 15.50 3.12
N GLY A 53 0.60 15.55 2.06
CA GLY A 53 1.90 14.93 2.06
C GLY A 53 2.60 15.21 0.75
N THR A 54 3.93 15.04 0.77
CA THR A 54 4.75 15.32 -0.39
C THR A 54 5.61 14.11 -0.71
N GLY A 55 6.32 14.20 -1.84
CA GLY A 55 7.14 13.12 -2.32
C GLY A 55 8.13 13.59 -3.37
N SER A 56 8.81 12.61 -3.99
CA SER A 56 9.85 12.93 -4.94
C SER A 56 9.30 13.59 -6.19
N PHE A 57 8.28 12.98 -6.81
CA PHE A 57 7.70 13.49 -8.05
C PHE A 57 6.29 14.02 -7.88
N GLY A 58 5.73 13.98 -6.68
CA GLY A 58 4.36 14.42 -6.53
C GLY A 58 3.99 14.75 -5.10
N ARG A 59 2.71 15.05 -4.91
CA ARG A 59 2.16 15.35 -3.60
C ARG A 59 0.70 14.91 -3.58
N VAL A 60 0.11 14.90 -2.39
CA VAL A 60 -1.31 14.58 -2.22
C VAL A 60 -1.98 15.76 -1.53
N MET A 61 -3.10 16.20 -2.09
N MET A 61 -3.10 16.22 -2.08
CA MET A 61 -3.87 17.34 -1.58
CA MET A 61 -3.81 17.37 -1.52
C MET A 61 -5.24 16.86 -1.13
C MET A 61 -5.27 17.02 -1.23
N LEU A 62 -5.77 17.49 -0.08
CA LEU A 62 -7.20 17.41 0.19
C LEU A 62 -7.90 18.43 -0.69
N VAL A 63 -8.95 17.99 -1.38
CA VAL A 63 -9.76 18.82 -2.26
C VAL A 63 -11.23 18.56 -1.95
N LYS A 64 -12.10 19.48 -2.38
CA LYS A 64 -13.54 19.33 -2.23
C LYS A 64 -14.19 19.55 -3.59
N HIS A 65 -15.05 18.62 -3.98
CA HIS A 65 -15.73 18.75 -5.27
C HIS A 65 -16.78 19.85 -5.20
N LYS A 66 -16.74 20.78 -6.16
CA LYS A 66 -17.51 22.01 -6.04
C LYS A 66 -19.01 21.79 -6.18
N GLU A 67 -19.43 20.74 -6.89
CA GLU A 67 -20.86 20.50 -7.08
C GLU A 67 -21.46 19.61 -6.00
N THR A 68 -20.76 18.54 -5.62
CA THR A 68 -21.30 17.58 -4.66
C THR A 68 -20.94 17.90 -3.23
N GLY A 69 -19.84 18.59 -2.98
CA GLY A 69 -19.36 18.81 -1.63
C GLY A 69 -18.56 17.67 -1.04
N ASN A 70 -18.30 16.62 -1.80
CA ASN A 70 -17.55 15.47 -1.28
C ASN A 70 -16.06 15.79 -1.24
N HIS A 71 -15.37 15.25 -0.24
CA HIS A 71 -13.93 15.43 -0.08
C HIS A 71 -13.16 14.28 -0.74
N TYR A 72 -12.00 14.62 -1.29
CA TYR A 72 -11.15 13.64 -1.95
C TYR A 72 -9.69 13.96 -1.67
N ALA A 73 -8.85 12.93 -1.79
CA ALA A 73 -7.39 13.08 -1.79
C ALA A 73 -6.89 13.03 -3.22
N MET A 74 -6.29 14.12 -3.69
CA MET A 74 -5.85 14.25 -5.08
C MET A 74 -4.33 14.11 -5.11
N LYS A 75 -3.85 13.03 -5.73
CA LYS A 75 -2.43 12.78 -5.93
C LYS A 75 -2.05 13.43 -7.25
N ILE A 76 -1.03 14.31 -7.20
CA ILE A 76 -0.61 15.14 -8.33
C ILE A 76 0.83 14.78 -8.67
N LEU A 77 1.06 14.35 -9.91
CA LEU A 77 2.40 13.97 -10.38
C LEU A 77 2.83 14.87 -11.53
N ASP A 78 4.03 15.43 -11.42
CA ASP A 78 4.60 16.29 -12.46
C ASP A 78 5.16 15.41 -13.58
N LYS A 79 4.60 15.55 -14.78
CA LYS A 79 4.98 14.67 -15.89
C LYS A 79 6.48 14.76 -16.19
N GLN A 80 7.03 15.96 -16.21
CA GLN A 80 8.46 16.10 -16.51
C GLN A 80 9.32 15.43 -15.44
N LYS A 81 8.97 15.62 -14.16
CA LYS A 81 9.73 14.96 -13.10
C LYS A 81 9.61 13.45 -13.16
N VAL A 82 8.46 12.95 -13.62
CA VAL A 82 8.26 11.51 -13.76
C VAL A 82 9.18 10.96 -14.85
N VAL A 83 9.24 11.65 -16.00
CA VAL A 83 10.12 11.22 -17.08
C VAL A 83 11.59 11.22 -16.63
N LYS A 84 12.00 12.28 -15.92
CA LYS A 84 13.39 12.39 -15.50
C LYS A 84 13.76 11.31 -14.47
N LEU A 85 12.82 10.96 -13.59
CA LEU A 85 13.06 9.93 -12.60
C LEU A 85 12.76 8.53 -13.12
N LYS A 86 12.48 8.38 -14.41
CA LYS A 86 12.26 7.08 -15.06
C LYS A 86 11.08 6.33 -14.45
N GLN A 87 10.01 7.05 -14.12
CA GLN A 87 8.83 6.46 -13.49
C GLN A 87 7.63 6.39 -14.42
N ILE A 88 7.83 6.45 -15.74
CA ILE A 88 6.69 6.49 -16.66
C ILE A 88 5.86 5.22 -16.55
N GLU A 89 6.51 4.06 -16.72
N GLU A 89 6.50 4.05 -16.70
CA GLU A 89 5.83 2.78 -16.62
CA GLU A 89 5.73 2.82 -16.64
C GLU A 89 5.14 2.63 -15.26
C GLU A 89 5.13 2.60 -15.25
N HIS A 90 5.82 3.05 -14.20
CA HIS A 90 5.27 2.90 -12.85
C HIS A 90 4.02 3.75 -12.65
N THR A 91 4.01 4.99 -13.15
CA THR A 91 2.81 5.82 -13.00
C THR A 91 1.65 5.27 -13.82
N LEU A 92 1.93 4.73 -15.01
CA LEU A 92 0.88 4.10 -15.78
C LEU A 92 0.36 2.84 -15.10
N ASN A 93 1.26 2.06 -14.47
CA ASN A 93 0.85 0.90 -13.67
C ASN A 93 -0.14 1.34 -12.59
N GLU A 94 0.21 2.41 -11.85
CA GLU A 94 -0.57 2.80 -10.69
C GLU A 94 -2.00 3.12 -11.08
N LYS A 95 -2.19 3.96 -12.09
CA LYS A 95 -3.54 4.37 -12.45
C LYS A 95 -4.33 3.20 -13.03
N ARG A 96 -3.69 2.40 -13.89
CA ARG A 96 -4.40 1.29 -14.52
C ARG A 96 -4.83 0.23 -13.51
N ILE A 97 -3.97 -0.06 -12.51
CA ILE A 97 -4.35 -0.99 -11.45
C ILE A 97 -5.46 -0.38 -10.57
N LEU A 98 -5.28 0.87 -10.15
CA LEU A 98 -6.25 1.45 -9.22
C LEU A 98 -7.64 1.56 -9.83
N GLN A 99 -7.73 1.85 -11.13
CA GLN A 99 -9.06 1.93 -11.73
C GLN A 99 -9.71 0.56 -11.93
N ALA A 100 -8.96 -0.54 -11.78
CA ALA A 100 -9.52 -1.88 -12.00
C ALA A 100 -9.78 -2.71 -10.75
N VAL A 101 -9.22 -2.35 -9.59
CA VAL A 101 -9.36 -3.20 -8.40
C VAL A 101 -10.60 -2.80 -7.61
N ASN A 102 -11.01 -3.70 -6.70
CA ASN A 102 -12.17 -3.49 -5.84
C ASN A 102 -12.02 -4.42 -4.65
N PHE A 103 -11.74 -3.86 -3.46
CA PHE A 103 -11.56 -4.70 -2.28
C PHE A 103 -11.74 -3.83 -1.04
N PRO A 104 -12.25 -4.38 0.08
CA PRO A 104 -12.60 -3.52 1.21
C PRO A 104 -11.43 -2.77 1.83
N PHE A 105 -10.20 -3.24 1.67
CA PHE A 105 -9.04 -2.63 2.32
C PHE A 105 -8.14 -1.89 1.34
N LEU A 106 -8.67 -1.50 0.17
CA LEU A 106 -7.92 -0.69 -0.79
C LEU A 106 -8.61 0.66 -0.97
N VAL A 107 -7.82 1.74 -1.01
N VAL A 107 -7.83 1.74 -0.99
CA VAL A 107 -8.37 3.07 -1.28
CA VAL A 107 -8.40 3.06 -1.25
C VAL A 107 -9.05 3.06 -2.64
C VAL A 107 -9.03 3.08 -2.63
N LYS A 108 -10.18 3.76 -2.74
CA LYS A 108 -10.96 3.78 -3.97
C LYS A 108 -10.59 4.98 -4.84
N LEU A 109 -10.21 4.72 -6.09
CA LEU A 109 -9.98 5.78 -7.07
C LEU A 109 -11.31 6.19 -7.68
N GLU A 110 -11.67 7.47 -7.54
CA GLU A 110 -12.93 7.98 -8.06
C GLU A 110 -12.81 8.68 -9.41
N PHE A 111 -11.72 9.42 -9.64
CA PHE A 111 -11.52 10.11 -10.90
C PHE A 111 -10.04 10.08 -11.28
N SER A 112 -9.75 10.21 -12.58
CA SER A 112 -8.39 10.46 -13.04
C SER A 112 -8.44 11.34 -14.28
N PHE A 113 -7.39 12.14 -14.48
CA PHE A 113 -7.27 13.02 -15.64
C PHE A 113 -5.85 13.58 -15.69
N LYS A 114 -5.53 14.24 -16.82
CA LYS A 114 -4.23 14.85 -17.01
C LYS A 114 -4.43 16.21 -17.69
N ASP A 115 -3.42 17.06 -17.59
CA ASP A 115 -3.41 18.36 -18.27
C ASP A 115 -2.04 18.58 -18.89
N ASN A 116 -1.75 19.82 -19.27
CA ASN A 116 -0.47 20.10 -19.93
C ASN A 116 0.72 19.68 -19.08
N SER A 117 0.62 19.78 -17.75
CA SER A 117 1.77 19.56 -16.88
C SER A 117 1.70 18.29 -16.03
N ASN A 118 0.51 17.86 -15.60
CA ASN A 118 0.41 16.91 -14.50
C ASN A 118 -0.52 15.74 -14.82
N LEU A 119 -0.36 14.68 -14.02
CA LEU A 119 -1.28 13.56 -13.94
C LEU A 119 -1.98 13.64 -12.59
N TYR A 120 -3.27 13.30 -12.56
CA TYR A 120 -4.10 13.42 -11.36
C TYR A 120 -4.83 12.12 -11.08
N MET A 121 -4.72 11.65 -9.84
CA MET A 121 -5.50 10.50 -9.36
C MET A 121 -6.27 10.94 -8.13
N VAL A 122 -7.61 10.91 -8.21
CA VAL A 122 -8.48 11.49 -7.19
C VAL A 122 -9.14 10.32 -6.44
N MET A 123 -8.78 10.16 -5.17
N MET A 123 -8.76 10.13 -5.19
CA MET A 123 -9.19 9.03 -4.35
CA MET A 123 -9.23 9.01 -4.38
C MET A 123 -10.15 9.50 -3.26
C MET A 123 -10.18 9.51 -3.29
N GLU A 124 -10.98 8.58 -2.77
CA GLU A 124 -11.79 8.89 -1.60
C GLU A 124 -10.87 9.27 -0.43
N TYR A 125 -11.22 10.32 0.32
CA TYR A 125 -10.37 10.80 1.41
C TYR A 125 -10.61 10.00 2.68
N VAL A 126 -9.54 9.50 3.29
CA VAL A 126 -9.61 8.72 4.52
C VAL A 126 -9.06 9.59 5.64
N PRO A 127 -9.91 10.11 6.54
CA PRO A 127 -9.47 11.17 7.46
C PRO A 127 -8.67 10.69 8.67
N GLY A 128 -8.58 9.38 8.91
CA GLY A 128 -7.92 8.94 10.12
C GLY A 128 -6.42 9.01 10.14
N GLY A 129 -5.77 9.29 9.00
CA GLY A 129 -4.33 9.40 8.97
C GLY A 129 -3.62 8.07 8.71
N GLU A 130 -2.29 8.17 8.63
CA GLU A 130 -1.43 7.02 8.34
C GLU A 130 -1.17 6.20 9.60
N MET A 131 -1.16 4.87 9.46
CA MET A 131 -0.81 4.00 10.59
C MET A 131 0.52 4.44 11.23
N PHE A 132 1.46 4.90 10.42
CA PHE A 132 2.77 5.31 10.92
C PHE A 132 2.64 6.33 12.05
N SER A 133 1.77 7.33 11.87
N SER A 133 1.77 7.33 11.90
CA SER A 133 1.58 8.34 12.91
CA SER A 133 1.64 8.33 12.94
C SER A 133 1.09 7.69 14.20
C SER A 133 1.07 7.72 14.23
N HIS A 134 0.09 6.82 14.10
CA HIS A 134 -0.50 6.22 15.30
C HIS A 134 0.50 5.28 15.99
N LEU A 135 1.26 4.51 15.21
CA LEU A 135 2.28 3.64 15.79
C LEU A 135 3.34 4.43 16.54
N ARG A 136 3.81 5.53 15.95
CA ARG A 136 4.84 6.33 16.61
C ARG A 136 4.30 7.05 17.83
N ARG A 137 3.02 7.46 17.80
CA ARG A 137 2.40 8.09 18.96
C ARG A 137 2.30 7.13 20.15
N ILE A 138 1.84 5.90 19.91
CA ILE A 138 1.63 4.97 21.02
CA ILE A 138 1.62 4.95 21.01
C ILE A 138 2.90 4.18 21.37
N GLY A 139 3.87 4.08 20.45
CA GLY A 139 5.08 3.34 20.72
C GLY A 139 5.09 2.00 20.03
N ARG A 140 4.20 1.09 20.44
CA ARG A 140 4.05 -0.19 19.77
C ARG A 140 2.62 -0.67 19.95
N PHE A 141 2.17 -1.54 19.05
CA PHE A 141 0.84 -2.12 19.16
C PHE A 141 0.92 -3.46 19.91
N SEP A 142 -0.08 -3.74 20.74
CA SEP A 142 -0.19 -5.06 21.36
CB SEP A 142 -1.40 -5.07 22.29
OG SEP A 142 -2.60 -5.15 21.54
C SEP A 142 -0.35 -6.13 20.27
O SEP A 142 -0.72 -5.83 19.14
P SEP A 142 -3.95 -4.84 22.38
O1P SEP A 142 -3.78 -3.43 23.14
O2P SEP A 142 -5.19 -4.80 21.36
O3P SEP A 142 -4.19 -5.99 23.47
N GLU A 143 -0.08 -7.40 20.61
CA GLU A 143 -0.19 -8.44 19.57
C GLU A 143 -1.62 -8.56 18.97
N PRO A 144 -2.69 -8.48 19.78
CA PRO A 144 -4.03 -8.49 19.18
C PRO A 144 -4.25 -7.35 18.21
N HIS A 145 -3.73 -6.17 18.53
CA HIS A 145 -3.88 -4.99 17.67
C HIS A 145 -3.09 -5.16 16.38
N ALA A 146 -1.81 -5.55 16.50
CA ALA A 146 -1.00 -5.86 15.32
C ALA A 146 -1.66 -6.94 14.45
N ARG A 147 -2.23 -7.97 15.09
CA ARG A 147 -2.82 -9.10 14.37
C ARG A 147 -4.08 -8.68 13.59
N PHE A 148 -4.87 -7.78 14.17
CA PHE A 148 -6.03 -7.23 13.46
C PHE A 148 -5.62 -6.56 12.15
N TYR A 149 -4.58 -5.73 12.19
CA TYR A 149 -4.10 -5.09 10.96
C TYR A 149 -3.44 -6.11 10.03
N ALA A 150 -2.64 -7.03 10.58
CA ALA A 150 -1.94 -7.99 9.71
C ALA A 150 -2.93 -8.86 8.95
N ALA A 151 -4.04 -9.26 9.59
CA ALA A 151 -5.05 -10.09 8.93
C ALA A 151 -5.61 -9.37 7.70
N GLN A 152 -5.81 -8.06 7.81
CA GLN A 152 -6.32 -7.29 6.66
C GLN A 152 -5.30 -7.27 5.52
N ILE A 153 -4.00 -7.16 5.85
CA ILE A 153 -2.98 -7.22 4.80
C ILE A 153 -2.90 -8.61 4.16
N VAL A 154 -3.01 -9.67 4.97
CA VAL A 154 -3.00 -11.03 4.42
C VAL A 154 -4.12 -11.21 3.39
N LEU A 155 -5.34 -10.78 3.73
CA LEU A 155 -6.45 -10.89 2.80
C LEU A 155 -6.23 -10.04 1.56
N THR A 156 -5.70 -8.82 1.74
CA THR A 156 -5.44 -7.94 0.61
C THR A 156 -4.43 -8.56 -0.36
N PHE A 157 -3.38 -9.18 0.17
CA PHE A 157 -2.40 -9.84 -0.70
C PHE A 157 -2.98 -11.08 -1.35
N GLU A 158 -3.81 -11.84 -0.60
CA GLU A 158 -4.50 -12.97 -1.22
C GLU A 158 -5.27 -12.51 -2.47
N TYR A 159 -6.02 -11.40 -2.34
CA TYR A 159 -6.74 -10.82 -3.47
C TYR A 159 -5.77 -10.36 -4.57
N LEU A 160 -4.80 -9.50 -4.22
CA LEU A 160 -3.91 -8.92 -5.24
C LEU A 160 -3.14 -10.00 -5.97
N HIS A 161 -2.56 -10.95 -5.23
CA HIS A 161 -1.75 -11.98 -5.88
C HIS A 161 -2.58 -12.86 -6.79
N SER A 162 -3.87 -13.08 -6.46
N SER A 162 -3.86 -13.09 -6.44
CA SER A 162 -4.73 -13.87 -7.34
CA SER A 162 -4.74 -13.86 -7.33
C SER A 162 -4.99 -13.18 -8.67
C SER A 162 -4.87 -13.19 -8.68
N LEU A 163 -4.81 -11.86 -8.72
CA LEU A 163 -4.91 -11.08 -9.94
C LEU A 163 -3.57 -10.95 -10.65
N ASP A 164 -2.53 -11.67 -10.19
CA ASP A 164 -1.17 -11.58 -10.72
C ASP A 164 -0.52 -10.22 -10.45
N LEU A 165 -0.94 -9.53 -9.40
CA LEU A 165 -0.39 -8.24 -9.03
C LEU A 165 0.57 -8.43 -7.86
N ILE A 166 1.68 -7.68 -7.88
CA ILE A 166 2.59 -7.55 -6.74
C ILE A 166 2.51 -6.10 -6.28
N TYR A 167 2.50 -5.88 -4.97
CA TYR A 167 2.27 -4.53 -4.43
C TYR A 167 3.57 -3.73 -4.30
N ARG A 168 4.58 -4.31 -3.64
CA ARG A 168 5.96 -3.81 -3.62
C ARG A 168 6.18 -2.51 -2.86
N ASP A 169 5.23 -2.03 -2.05
CA ASP A 169 5.51 -0.87 -1.23
C ASP A 169 4.88 -0.97 0.17
N LEU A 170 4.76 -2.16 0.75
CA LEU A 170 4.17 -2.26 2.08
C LEU A 170 5.06 -1.59 3.12
N LYS A 171 4.47 -0.68 3.89
CA LYS A 171 5.11 0.01 5.01
C LYS A 171 4.03 0.81 5.74
N PRO A 172 4.26 1.20 6.99
CA PRO A 172 3.18 1.84 7.77
C PRO A 172 2.66 3.14 7.20
N GLU A 173 3.50 3.87 6.47
N GLU A 173 3.48 3.92 6.48
CA GLU A 173 3.09 5.15 5.90
CA GLU A 173 2.96 5.19 5.95
C GLU A 173 2.06 5.00 4.78
C GLU A 173 1.95 4.98 4.83
N ASN A 174 1.93 3.80 4.21
CA ASN A 174 0.98 3.56 3.14
C ASN A 174 -0.33 2.91 3.60
N LEU A 175 -0.53 2.73 4.92
CA LEU A 175 -1.73 2.08 5.43
C LEU A 175 -2.55 3.14 6.16
N LEU A 176 -3.64 3.60 5.56
CA LEU A 176 -4.48 4.60 6.20
C LEU A 176 -5.50 3.94 7.10
N ILE A 177 -5.88 4.63 8.19
CA ILE A 177 -6.87 4.13 9.15
C ILE A 177 -8.17 4.88 8.93
N ASP A 178 -9.26 4.15 8.70
CA ASP A 178 -10.51 4.76 8.28
C ASP A 178 -11.43 5.05 9.47
N GLN A 179 -12.66 5.50 9.17
CA GLN A 179 -13.63 5.89 10.20
CA GLN A 179 -13.57 5.90 10.23
C GLN A 179 -14.03 4.73 11.10
N GLN A 180 -13.87 3.49 10.63
CA GLN A 180 -14.22 2.30 11.40
C GLN A 180 -13.00 1.68 12.07
N GLY A 181 -11.81 2.27 11.92
CA GLY A 181 -10.58 1.71 12.45
C GLY A 181 -9.94 0.64 11.59
N TYR A 182 -10.41 0.43 10.37
CA TYR A 182 -9.85 -0.54 9.44
C TYR A 182 -8.85 0.14 8.48
N ILE A 183 -8.02 -0.69 7.84
CA ILE A 183 -6.97 -0.23 6.93
C ILE A 183 -7.52 0.00 5.53
N GLN A 184 -7.04 1.06 4.89
CA GLN A 184 -7.13 1.21 3.44
C GLN A 184 -5.73 1.46 2.90
N VAL A 185 -5.24 0.56 2.05
CA VAL A 185 -3.91 0.67 1.45
C VAL A 185 -3.93 1.74 0.37
N THR A 186 -2.93 2.62 0.39
CA THR A 186 -2.77 3.65 -0.62
C THR A 186 -1.38 3.56 -1.22
N ASP A 187 -1.23 4.23 -2.36
CA ASP A 187 0.02 4.34 -3.12
C ASP A 187 0.35 3.04 -3.84
N PHE A 188 -0.11 2.94 -5.08
CA PHE A 188 0.18 1.81 -5.96
C PHE A 188 1.29 2.15 -6.96
N GLY A 189 2.14 3.11 -6.62
CA GLY A 189 3.20 3.57 -7.51
C GLY A 189 4.23 2.52 -7.88
N PHE A 190 4.42 1.50 -7.05
CA PHE A 190 5.31 0.39 -7.40
C PHE A 190 4.57 -0.89 -7.75
N ALA A 191 3.24 -0.89 -7.75
CA ALA A 191 2.50 -2.11 -8.02
C ALA A 191 2.57 -2.48 -9.49
N LYS A 192 2.51 -3.78 -9.79
CA LYS A 192 2.70 -4.21 -11.16
C LYS A 192 2.01 -5.55 -11.39
N ARG A 193 1.46 -5.73 -12.58
CA ARG A 193 0.96 -7.05 -12.98
C ARG A 193 2.11 -7.87 -13.57
N VAL A 194 2.33 -9.05 -13.00
CA VAL A 194 3.51 -9.87 -13.25
C VAL A 194 3.07 -11.31 -13.48
N LYS A 195 3.50 -11.90 -14.60
CA LYS A 195 3.13 -13.27 -14.93
C LYS A 195 4.06 -14.27 -14.24
N GLY A 196 5.37 -14.05 -14.31
CA GLY A 196 6.31 -14.92 -13.65
C GLY A 196 7.20 -14.16 -12.68
N ARG A 197 8.27 -13.56 -13.20
CA ARG A 197 9.23 -12.79 -12.43
C ARG A 197 9.25 -11.34 -12.91
N THR A 198 9.80 -10.46 -12.08
CA THR A 198 10.07 -9.07 -12.44
C THR A 198 11.41 -8.66 -11.83
N TRP A 199 11.96 -7.54 -12.31
CA TRP A 199 13.36 -7.22 -12.00
C TRP A 199 13.69 -5.81 -11.44
N TPO A 200 12.71 -4.93 -11.35
CA TPO A 200 13.01 -3.53 -10.99
CB TPO A 200 11.83 -2.58 -11.26
CG2 TPO A 200 12.23 -1.12 -11.06
OG1 TPO A 200 11.40 -2.78 -12.58
P TPO A 200 9.85 -3.39 -12.82
O1P TPO A 200 8.92 -2.30 -12.26
O2P TPO A 200 9.72 -3.62 -14.32
O3P TPO A 200 9.90 -4.68 -11.99
C TPO A 200 13.50 -3.33 -9.57
O TPO A 200 12.86 -3.87 -8.65
N LEU A 201 14.57 -2.57 -9.37
CA LEU A 201 14.99 -2.18 -8.03
C LEU A 201 14.07 -1.05 -7.55
N CYS A 202 13.14 -1.37 -6.64
CA CYS A 202 12.25 -0.35 -6.12
C CYS A 202 11.73 -0.81 -4.77
N GLY A 203 11.31 0.17 -3.97
CA GLY A 203 10.88 -0.03 -2.60
C GLY A 203 11.63 0.87 -1.65
N THR A 204 11.30 0.72 -0.37
CA THR A 204 11.97 1.40 0.74
C THR A 204 12.99 0.46 1.35
N PRO A 205 14.22 0.93 1.60
CA PRO A 205 15.30 0.01 2.01
C PRO A 205 14.95 -0.95 3.15
N GLU A 206 14.34 -0.44 4.21
CA GLU A 206 14.04 -1.28 5.38
C GLU A 206 13.12 -2.44 5.04
N TYR A 207 12.34 -2.35 3.97
N TYR A 207 12.36 -2.36 3.96
CA TYR A 207 11.33 -3.35 3.64
CA TYR A 207 11.35 -3.36 3.64
C TYR A 207 11.71 -4.26 2.48
C TYR A 207 11.71 -4.24 2.45
N LEU A 208 12.90 -4.09 1.89
CA LEU A 208 13.29 -4.84 0.69
C LEU A 208 13.66 -6.28 1.02
N ALA A 209 13.15 -7.22 0.22
CA ALA A 209 13.55 -8.61 0.37
C ALA A 209 14.97 -8.83 -0.16
N PRO A 210 15.66 -9.87 0.33
CA PRO A 210 17.04 -10.14 -0.16
C PRO A 210 17.13 -10.27 -1.67
N GLU A 211 16.17 -10.91 -2.32
CA GLU A 211 16.29 -11.12 -3.76
C GLU A 211 16.20 -9.82 -4.56
N ILE A 212 15.49 -8.80 -4.04
CA ILE A 212 15.54 -7.50 -4.70
C ILE A 212 16.93 -6.89 -4.56
N ILE A 213 17.51 -6.95 -3.35
CA ILE A 213 18.81 -6.35 -3.08
C ILE A 213 19.89 -6.99 -3.95
N LEU A 214 19.77 -8.29 -4.19
CA LEU A 214 20.78 -9.04 -4.93
C LEU A 214 20.54 -9.04 -6.43
N SER A 215 19.60 -8.22 -6.93
CA SER A 215 19.38 -8.01 -8.36
C SER A 215 18.88 -9.27 -9.08
N LYS A 216 18.12 -10.09 -8.38
N LYS A 216 18.12 -10.09 -8.38
CA LYS A 216 17.56 -11.30 -8.97
CA LYS A 216 17.56 -11.30 -8.97
C LYS A 216 16.19 -11.00 -9.59
C LYS A 216 16.18 -11.00 -9.58
N GLY A 217 15.72 -11.94 -10.41
CA GLY A 217 14.32 -11.93 -10.81
C GLY A 217 13.49 -12.41 -9.64
N TYR A 218 12.43 -11.68 -9.31
CA TYR A 218 11.67 -11.97 -8.10
C TYR A 218 10.16 -11.99 -8.36
N ASN A 219 9.41 -12.43 -7.37
CA ASN A 219 7.96 -12.65 -7.53
C ASN A 219 7.23 -12.15 -6.29
N LYS A 220 5.98 -12.61 -6.13
CA LYS A 220 5.12 -12.18 -5.02
C LYS A 220 5.70 -12.48 -3.64
N ALA A 221 6.69 -13.38 -3.54
CA ALA A 221 7.30 -13.65 -2.23
C ALA A 221 7.88 -12.39 -1.59
N VAL A 222 8.20 -11.35 -2.38
CA VAL A 222 8.72 -10.13 -1.79
C VAL A 222 7.67 -9.42 -0.94
N ASP A 223 6.39 -9.55 -1.29
CA ASP A 223 5.33 -8.96 -0.47
C ASP A 223 5.20 -9.69 0.88
N TRP A 224 5.36 -11.02 0.89
CA TRP A 224 5.29 -11.75 2.15
C TRP A 224 6.49 -11.43 3.06
N TRP A 225 7.68 -11.24 2.48
CA TRP A 225 8.80 -10.74 3.27
C TRP A 225 8.44 -9.39 3.89
N ALA A 226 7.89 -8.47 3.09
CA ALA A 226 7.55 -7.16 3.63
C ALA A 226 6.49 -7.23 4.73
N LEU A 227 5.57 -8.21 4.64
CA LEU A 227 4.62 -8.42 5.74
C LEU A 227 5.33 -8.81 7.04
N GLY A 228 6.37 -9.64 6.94
CA GLY A 228 7.17 -9.94 8.12
C GLY A 228 7.81 -8.70 8.74
N VAL A 229 8.36 -7.82 7.88
CA VAL A 229 8.93 -6.57 8.38
C VAL A 229 7.86 -5.71 9.05
N LEU A 230 6.68 -5.61 8.43
CA LEU A 230 5.59 -4.80 8.97
C LEU A 230 5.10 -5.32 10.33
N ILE A 231 4.89 -6.63 10.43
CA ILE A 231 4.41 -7.20 11.70
C ILE A 231 5.44 -6.97 12.80
N TYR A 232 6.72 -7.21 12.50
CA TYR A 232 7.77 -6.91 13.46
C TYR A 232 7.71 -5.45 13.91
N GLU A 233 7.59 -4.52 12.94
CA GLU A 233 7.59 -3.10 13.28
C GLU A 233 6.36 -2.71 14.11
N MET A 234 5.19 -3.26 13.78
CA MET A 234 4.00 -2.96 14.57
C MET A 234 4.13 -3.45 16.01
N ALA A 235 4.71 -4.65 16.20
CA ALA A 235 4.75 -5.25 17.54
C ALA A 235 5.94 -4.78 18.37
N ALA A 236 7.02 -4.33 17.72
CA ALA A 236 8.20 -3.86 18.43
C ALA A 236 8.25 -2.35 18.58
N GLY A 237 7.73 -1.62 17.59
CA GLY A 237 7.86 -0.18 17.53
C GLY A 237 8.95 0.31 16.59
N TYR A 238 9.79 -0.59 16.09
CA TYR A 238 10.87 -0.29 15.16
C TYR A 238 11.05 -1.48 14.23
N PRO A 239 11.62 -1.28 13.04
CA PRO A 239 11.75 -2.39 12.10
C PRO A 239 12.97 -3.24 12.44
N PRO A 240 13.05 -4.47 11.90
CA PRO A 240 14.12 -5.38 12.31
C PRO A 240 15.50 -4.98 11.79
N PHE A 241 15.58 -4.32 10.64
CA PHE A 241 16.84 -4.02 9.97
C PHE A 241 16.90 -2.51 9.76
N PHE A 242 17.86 -1.83 10.40
CA PHE A 242 17.96 -0.39 10.23
C PHE A 242 19.40 0.05 10.45
N ALA A 243 19.75 1.18 9.83
CA ALA A 243 21.09 1.75 9.89
C ALA A 243 21.05 3.09 9.14
N ASP A 244 22.11 3.87 9.30
CA ASP A 244 22.14 5.16 8.62
C ASP A 244 22.40 5.04 7.12
N GLN A 245 23.16 4.06 6.72
CA GLN A 245 23.44 3.93 5.30
C GLN A 245 22.66 2.76 4.71
N PRO A 246 22.03 2.94 3.54
CA PRO A 246 21.32 1.82 2.91
C PRO A 246 22.16 0.55 2.75
N ILE A 247 23.45 0.69 2.38
N ILE A 247 23.45 0.69 2.40
CA ILE A 247 24.29 -0.49 2.22
CA ILE A 247 24.29 -0.49 2.22
C ILE A 247 24.40 -1.27 3.52
C ILE A 247 24.43 -1.27 3.52
N GLN A 248 24.40 -0.57 4.66
CA GLN A 248 24.44 -1.25 5.94
C GLN A 248 23.12 -1.98 6.21
N ILE A 249 21.99 -1.37 5.84
CA ILE A 249 20.70 -2.04 5.97
C ILE A 249 20.67 -3.30 5.12
N TYR A 250 21.17 -3.20 3.88
CA TYR A 250 21.16 -4.35 2.97
C TYR A 250 22.00 -5.49 3.52
N GLU A 251 23.14 -5.18 4.12
CA GLU A 251 23.99 -6.22 4.70
C GLU A 251 23.25 -6.97 5.81
N LYS A 252 22.49 -6.26 6.64
CA LYS A 252 21.72 -6.92 7.68
C LYS A 252 20.62 -7.79 7.08
N ILE A 253 19.96 -7.30 6.04
CA ILE A 253 18.86 -8.03 5.42
C ILE A 253 19.33 -9.37 4.87
N VAL A 254 20.45 -9.38 4.15
CA VAL A 254 20.89 -10.61 3.50
C VAL A 254 21.53 -11.61 4.45
N SER A 255 21.87 -11.18 5.67
CA SER A 255 22.63 -12.01 6.60
C SER A 255 21.85 -13.19 7.16
N GLY A 256 20.53 -13.13 7.17
CA GLY A 256 19.75 -14.20 7.75
C GLY A 256 19.65 -14.17 9.26
N LYS A 257 19.90 -13.02 9.88
CA LYS A 257 19.93 -12.89 11.33
C LYS A 257 18.93 -11.82 11.77
N VAL A 258 18.05 -12.20 12.70
CA VAL A 258 17.04 -11.30 13.25
C VAL A 258 16.98 -11.54 14.75
N ARG A 259 16.95 -10.47 15.52
CA ARG A 259 16.82 -10.52 16.97
C ARG A 259 15.42 -10.03 17.35
N PHE A 260 14.79 -10.72 18.30
CA PHE A 260 13.42 -10.40 18.67
C PHE A 260 13.36 -9.88 20.10
N PRO A 261 12.50 -8.89 20.37
CA PRO A 261 12.32 -8.45 21.75
C PRO A 261 11.76 -9.57 22.61
N SER A 262 12.16 -9.58 23.88
CA SER A 262 11.73 -10.65 24.78
C SER A 262 10.21 -10.68 24.95
N HIS A 263 9.53 -9.55 24.77
CA HIS A 263 8.07 -9.54 24.98
C HIS A 263 7.30 -10.20 23.84
N PHE A 264 7.93 -10.49 22.71
CA PHE A 264 7.26 -11.21 21.63
C PHE A 264 6.85 -12.60 22.11
N SER A 265 5.62 -13.00 21.78
CA SER A 265 5.19 -14.37 22.03
C SER A 265 5.99 -15.37 21.20
N SER A 266 6.04 -16.62 21.66
CA SER A 266 6.71 -17.65 20.88
C SER A 266 6.07 -17.84 19.52
N ASP A 267 4.74 -17.80 19.45
CA ASP A 267 4.03 -17.89 18.17
C ASP A 267 4.43 -16.76 17.23
N LEU A 268 4.57 -15.54 17.76
CA LEU A 268 4.96 -14.42 16.88
C LEU A 268 6.37 -14.62 16.32
N LYS A 269 7.32 -14.98 17.18
CA LYS A 269 8.66 -15.26 16.69
C LYS A 269 8.65 -16.33 15.60
N ASP A 270 7.89 -17.41 15.82
CA ASP A 270 7.88 -18.50 14.85
C ASP A 270 7.35 -18.03 13.49
N LEU A 271 6.25 -17.29 13.48
CA LEU A 271 5.71 -16.76 12.22
C LEU A 271 6.74 -15.86 11.54
N LEU A 272 7.37 -14.96 12.30
CA LEU A 272 8.30 -14.01 11.69
C LEU A 272 9.54 -14.70 11.11
N ARG A 273 10.03 -15.76 11.75
CA ARG A 273 11.18 -16.47 11.18
C ARG A 273 10.82 -17.09 9.82
N ASN A 274 9.54 -17.45 9.63
CA ASN A 274 9.10 -18.05 8.38
C ASN A 274 8.75 -17.02 7.30
N LEU A 275 8.38 -15.80 7.69
CA LEU A 275 8.18 -14.73 6.71
C LEU A 275 9.50 -14.07 6.35
N LEU A 276 10.39 -13.89 7.33
CA LEU A 276 11.73 -13.32 7.12
C LEU A 276 12.76 -14.40 6.78
N GLN A 277 12.35 -15.34 5.94
CA GLN A 277 13.22 -16.40 5.44
C GLN A 277 13.99 -15.87 4.23
N VAL A 278 15.32 -15.87 4.31
CA VAL A 278 16.12 -15.30 3.23
C VAL A 278 15.99 -16.09 1.94
N ASP A 279 15.79 -17.42 2.03
CA ASP A 279 15.63 -18.26 0.85
C ASP A 279 14.17 -18.16 0.41
N LEU A 280 13.92 -17.51 -0.73
CA LEU A 280 12.53 -17.30 -1.15
C LEU A 280 11.78 -18.60 -1.41
N THR A 281 12.49 -19.70 -1.69
CA THR A 281 11.82 -20.97 -1.93
C THR A 281 11.33 -21.63 -0.65
N LYS A 282 11.69 -21.08 0.52
CA LYS A 282 11.28 -21.61 1.81
C LYS A 282 10.41 -20.64 2.60
N ARG A 283 9.99 -19.53 1.98
CA ARG A 283 9.32 -18.46 2.70
C ARG A 283 7.81 -18.66 2.72
N PHE A 284 7.21 -18.52 3.91
CA PHE A 284 5.76 -18.59 4.03
C PHE A 284 5.09 -17.62 3.08
N GLY A 285 4.00 -18.08 2.46
CA GLY A 285 3.34 -17.40 1.38
C GLY A 285 3.78 -17.85 0.00
N ASN A 286 4.96 -18.47 -0.10
CA ASN A 286 5.53 -18.89 -1.38
C ASN A 286 5.73 -20.40 -1.48
N LEU A 287 5.10 -21.16 -0.58
CA LEU A 287 5.19 -22.62 -0.61
C LEU A 287 3.98 -23.20 -1.34
N LYS A 288 3.90 -24.53 -1.38
CA LYS A 288 2.82 -25.18 -2.13
C LYS A 288 1.45 -24.76 -1.63
N ASN A 289 1.30 -24.57 -0.31
CA ASN A 289 0.02 -24.17 0.25
C ASN A 289 -0.21 -22.67 0.25
N GLY A 290 0.71 -21.88 -0.31
CA GLY A 290 0.50 -20.45 -0.51
C GLY A 290 0.10 -19.71 0.76
N VAL A 291 -0.96 -18.90 0.64
CA VAL A 291 -1.40 -18.07 1.76
C VAL A 291 -1.88 -18.91 2.93
N ASN A 292 -2.26 -20.18 2.69
CA ASN A 292 -2.84 -20.97 3.77
C ASN A 292 -1.84 -21.28 4.88
N ASP A 293 -0.55 -21.37 4.56
CA ASP A 293 0.44 -21.56 5.62
C ASP A 293 0.44 -20.40 6.61
N ILE A 294 0.14 -19.19 6.14
CA ILE A 294 0.07 -18.04 7.02
C ILE A 294 -1.24 -18.02 7.79
N LYS A 295 -2.37 -18.17 7.09
CA LYS A 295 -3.68 -18.11 7.75
C LYS A 295 -3.85 -19.19 8.80
N ASN A 296 -3.21 -20.35 8.61
CA ASN A 296 -3.34 -21.47 9.53
C ASN A 296 -2.26 -21.50 10.61
N HIS A 297 -1.35 -20.52 10.62
CA HIS A 297 -0.31 -20.48 11.65
C HIS A 297 -0.93 -20.17 13.03
N LYS A 298 -0.33 -20.73 14.08
CA LYS A 298 -0.83 -20.53 15.45
C LYS A 298 -1.02 -19.06 15.83
N TRP A 299 -0.18 -18.15 15.30
CA TRP A 299 -0.33 -16.75 15.72
C TRP A 299 -1.68 -16.18 15.30
N PHE A 300 -2.28 -16.72 14.24
CA PHE A 300 -3.59 -16.28 13.76
C PHE A 300 -4.75 -17.15 14.26
N ALA A 301 -4.55 -17.96 15.31
CA ALA A 301 -5.58 -18.92 15.68
C ALA A 301 -6.88 -18.25 16.11
N THR A 302 -6.80 -17.03 16.65
CA THR A 302 -7.98 -16.31 17.10
C THR A 302 -8.65 -15.49 15.99
N THR A 303 -8.09 -15.47 14.77
CA THR A 303 -8.61 -14.60 13.73
C THR A 303 -9.78 -15.24 13.00
N ASP A 304 -10.90 -14.51 12.92
CA ASP A 304 -12.07 -14.89 12.13
C ASP A 304 -11.94 -14.20 10.79
N TRP A 305 -11.44 -14.93 9.79
CA TRP A 305 -11.06 -14.34 8.51
C TRP A 305 -12.26 -13.75 7.78
N ILE A 306 -13.39 -14.46 7.77
CA ILE A 306 -14.59 -13.93 7.12
C ILE A 306 -15.10 -12.69 7.84
N ALA A 307 -15.08 -12.70 9.18
CA ALA A 307 -15.55 -11.54 9.94
C ALA A 307 -14.69 -10.31 9.66
N ILE A 308 -13.37 -10.49 9.54
CA ILE A 308 -12.48 -9.38 9.16
C ILE A 308 -12.87 -8.84 7.79
N TYR A 309 -13.00 -9.73 6.80
CA TYR A 309 -13.37 -9.33 5.44
C TYR A 309 -14.70 -8.56 5.43
N GLN A 310 -15.69 -9.01 6.21
CA GLN A 310 -16.99 -8.35 6.27
C GLN A 310 -17.01 -7.11 7.17
N ARG A 311 -15.89 -6.75 7.81
CA ARG A 311 -15.81 -5.59 8.68
C ARG A 311 -16.78 -5.70 9.87
N LYS A 312 -16.88 -6.91 10.43
CA LYS A 312 -17.77 -7.17 11.56
C LYS A 312 -17.04 -7.22 12.90
N VAL A 313 -15.72 -7.18 12.90
CA VAL A 313 -14.92 -7.19 14.13
C VAL A 313 -14.76 -5.77 14.63
N GLU A 314 -14.88 -5.57 15.94
CA GLU A 314 -14.66 -4.25 16.51
C GLU A 314 -13.17 -3.91 16.47
N ALA A 315 -12.86 -2.72 15.96
CA ALA A 315 -11.47 -2.33 15.77
C ALA A 315 -10.80 -1.97 17.10
N PRO A 316 -9.47 -2.13 17.18
CA PRO A 316 -8.76 -1.76 18.42
C PRO A 316 -8.89 -0.29 18.79
N PHE A 317 -8.96 0.60 17.81
CA PHE A 317 -9.24 2.01 18.10
C PHE A 317 -9.75 2.69 16.85
N ILE A 318 -10.50 3.77 17.07
CA ILE A 318 -11.03 4.63 16.01
C ILE A 318 -10.28 5.95 16.10
N PRO A 319 -9.73 6.46 14.99
CA PRO A 319 -9.04 7.75 15.05
C PRO A 319 -9.99 8.86 15.47
N LYS A 320 -9.43 9.84 16.16
CA LYS A 320 -10.20 11.02 16.57
C LYS A 320 -10.16 12.05 15.44
N PHE A 321 -11.35 12.44 14.98
CA PHE A 321 -11.46 13.47 13.95
C PHE A 321 -12.87 14.00 14.01
N LYS A 322 -13.07 15.20 13.47
CA LYS A 322 -14.33 15.92 13.68
C LYS A 322 -15.32 15.77 12.54
N GLY A 323 -14.88 15.33 11.37
CA GLY A 323 -15.75 15.26 10.22
C GLY A 323 -14.99 14.85 8.99
N PRO A 324 -15.71 14.71 7.87
CA PRO A 324 -15.08 14.19 6.63
C PRO A 324 -13.99 15.07 6.05
N GLY A 325 -13.94 16.37 6.40
CA GLY A 325 -12.90 17.26 5.91
C GLY A 325 -11.80 17.57 6.91
N ASP A 326 -11.79 16.89 8.06
CA ASP A 326 -10.80 17.18 9.09
C ASP A 326 -9.44 16.67 8.66
N THR A 327 -8.41 17.51 8.81
CA THR A 327 -7.03 17.19 8.45
C THR A 327 -6.11 17.04 9.66
N SER A 328 -6.65 16.97 10.88
N SER A 328 -6.66 16.99 10.87
CA SER A 328 -5.82 17.00 12.07
CA SER A 328 -5.84 17.00 12.08
C SER A 328 -4.90 15.79 12.17
C SER A 328 -4.92 15.80 12.19
N ASN A 329 -5.24 14.68 11.54
CA ASN A 329 -4.41 13.49 11.62
C ASN A 329 -3.28 13.45 10.59
N PHE A 330 -3.19 14.46 9.73
CA PHE A 330 -2.07 14.64 8.82
C PHE A 330 -1.30 15.88 9.24
N ASP A 331 -0.07 16.00 8.75
CA ASP A 331 0.83 17.04 9.23
C ASP A 331 0.93 18.21 8.27
N ASP A 332 1.81 19.18 8.58
CA ASP A 332 1.83 20.49 7.92
C ASP A 332 2.99 20.60 6.94
N TYR A 333 2.67 21.00 5.70
CA TYR A 333 3.66 21.13 4.64
C TYR A 333 3.52 22.50 4.01
N GLU A 334 4.63 23.00 3.48
CA GLU A 334 4.59 24.26 2.74
C GLU A 334 3.61 24.14 1.57
N GLU A 335 2.73 25.13 1.44
CA GLU A 335 1.70 25.10 0.40
C GLU A 335 2.24 25.73 -0.88
N GLU A 336 2.39 24.93 -1.94
CA GLU A 336 2.94 25.36 -3.21
C GLU A 336 1.86 25.33 -4.31
N GLU A 337 2.11 26.09 -5.38
CA GLU A 337 1.14 26.19 -6.48
C GLU A 337 0.98 24.86 -7.21
N ILE A 338 -0.20 24.68 -7.82
CA ILE A 338 -0.43 23.65 -8.83
C ILE A 338 -0.44 24.41 -10.16
N ARG A 339 0.73 24.61 -10.73
CA ARG A 339 0.83 25.35 -11.98
C ARG A 339 0.67 24.41 -13.16
N VAL A 340 -0.07 24.88 -14.16
CA VAL A 340 -0.30 24.13 -15.38
C VAL A 340 0.22 24.95 -16.54
N SEP A 341 1.25 24.44 -17.22
CA SEP A 341 1.90 25.18 -18.31
CB SEP A 341 3.13 24.41 -18.79
OG SEP A 341 3.58 24.87 -20.05
C SEP A 341 0.95 25.48 -19.47
O SEP A 341 -0.05 24.79 -19.67
P SEP A 341 4.70 26.01 -19.86
O1P SEP A 341 5.71 25.93 -21.12
O2P SEP A 341 3.96 27.43 -19.85
O3P SEP A 341 5.53 25.77 -18.51
N ILE A 342 1.25 26.53 -20.22
CA ILE A 342 0.47 26.90 -21.39
C ILE A 342 0.69 25.88 -22.52
N ASN A 343 1.84 25.21 -22.49
CA ASN A 343 2.21 24.21 -23.49
C ASN A 343 2.13 22.81 -22.91
N GLU A 344 1.71 21.86 -23.74
CA GLU A 344 1.64 20.47 -23.32
C GLU A 344 3.05 19.87 -23.20
N LYS A 345 3.24 19.03 -22.19
CA LYS A 345 4.52 18.38 -21.92
C LYS A 345 4.34 16.86 -21.96
N CYS A 346 5.27 16.18 -22.63
CA CYS A 346 5.35 14.71 -22.61
C CYS A 346 4.04 14.05 -22.99
N GLY A 347 3.34 14.63 -23.97
CA GLY A 347 2.06 14.06 -24.38
C GLY A 347 2.17 12.63 -24.87
N LYS A 348 3.21 12.34 -25.65
CA LYS A 348 3.33 11.01 -26.23
C LYS A 348 3.61 9.96 -25.16
N GLU A 349 4.38 10.33 -24.14
CA GLU A 349 4.75 9.36 -23.10
C GLU A 349 3.55 8.92 -22.28
N PHE A 350 2.53 9.77 -22.16
CA PHE A 350 1.41 9.53 -21.27
C PHE A 350 0.08 9.38 -22.02
N THR A 351 0.12 9.00 -23.30
CA THR A 351 -1.10 8.88 -24.08
C THR A 351 -2.12 7.95 -23.43
N GLU A 352 -1.64 6.89 -22.78
CA GLU A 352 -2.55 5.91 -22.20
C GLU A 352 -3.18 6.35 -20.88
N PHE A 353 -2.62 7.37 -20.22
CA PHE A 353 -3.16 7.80 -18.93
C PHE A 353 -4.55 8.40 -19.09
C2 PG4 B . -7.77 -22.69 4.66
O2 PG4 B . -7.28 -21.49 5.21
C3 PG4 B . -8.14 -20.94 6.18
C4 PG4 B . -9.30 -20.23 5.52
O3 PG4 B . -9.69 -19.13 6.29
C5 PG4 B . -10.82 -18.43 5.80
C6 PG4 B . -10.53 -17.83 4.45
O4 PG4 B . -10.71 -16.44 4.45
C7 PG4 B . -11.72 -16.01 3.58
C8 PG4 B . -12.07 -14.57 3.83
C11 A1JEZ C . 0.52 10.53 1.33
C17 A1JEZ C . 2.16 8.63 1.08
C13 A1JEZ C . 1.82 10.06 0.81
C2 A1JEZ C . -5.61 9.39 0.97
C3 A1JEZ C . -5.31 10.27 1.99
C4 A1JEZ C . -4.00 10.68 2.16
C5 A1JEZ C . -2.99 10.20 1.33
C6 A1JEZ C . -3.33 9.32 0.31
C14 A1JEZ C . 3.05 10.79 1.40
C15 A1JEZ C . 3.40 10.00 2.65
C7 A1JEZ C . -4.64 8.91 0.13
C8 A1JEZ C . -1.60 10.60 1.54
N10 A1JEZ C . 0.25 11.50 2.13
N16 A1JEZ C . 2.70 8.70 2.48
N9 A1JEZ C . -1.13 11.54 2.28
O12 A1JEZ C . -0.61 9.90 0.89
CL1 A1JEZ C . -7.26 8.88 0.76
C11 A1JEZ D . -16.53 -15.17 0.69
C17 A1JEZ D . -18.38 -13.40 0.37
C13 A1JEZ D . -17.92 -14.73 1.00
C2 A1JEZ D . -10.64 -13.12 0.09
C3 A1JEZ D . -11.71 -12.40 0.59
C4 A1JEZ D . -12.95 -13.01 0.68
C5 A1JEZ D . -13.13 -14.33 0.27
C6 A1JEZ D . -12.03 -15.03 -0.22
C14 A1JEZ D . -18.27 -14.58 2.50
C15 A1JEZ D . -18.39 -13.10 2.78
C7 A1JEZ D . -10.79 -14.43 -0.32
C8 A1JEZ D . -14.44 -14.97 0.36
N10 A1JEZ D . -16.11 -16.32 0.33
N16 A1JEZ D . -18.86 -12.52 1.49
N9 A1JEZ D . -14.74 -16.20 0.11
O12 A1JEZ D . -15.53 -14.23 0.74
CL1 A1JEZ D . -9.08 -12.36 -0.04
C11 A1JEZ E . 3.29 -2.58 -21.70
C17 A1JEZ E . 1.90 -1.91 -23.69
C13 A1JEZ E . 1.95 -2.23 -22.21
C2 A1JEZ E . 9.19 -0.54 -21.51
C3 A1JEZ E . 9.07 -1.80 -20.95
C4 A1JEZ E . 7.82 -2.39 -20.89
C5 A1JEZ E . 6.70 -1.73 -21.39
C6 A1JEZ E . 6.86 -0.46 -21.96
C14 A1JEZ E . 1.31 -0.98 -21.60
C15 A1JEZ E . 1.90 0.16 -22.41
C7 A1JEZ E . 8.11 0.13 -22.01
C8 A1JEZ E . 5.38 -2.35 -21.32
N10 A1JEZ E . 3.67 -3.63 -21.04
N16 A1JEZ E . 2.12 -0.43 -23.76
N9 A1JEZ E . 5.04 -3.48 -20.80
O12 A1JEZ E . 4.32 -1.72 -21.92
CL1 A1JEZ E . 10.76 0.22 -21.53
C1 PEG F . 2.54 -7.66 -22.16
O1 PEG F . 2.75 -6.41 -21.54
C2 PEG F . 3.34 -8.73 -21.48
O2 PEG F . 4.71 -8.51 -21.65
C3 PEG F . 5.33 -7.93 -20.53
C4 PEG F . 6.37 -6.93 -20.97
O4 PEG F . 6.67 -6.06 -19.90
S DMS G . 3.98 -13.03 -9.39
O DMS G . 4.22 -13.75 -8.08
C1 DMS G . 3.48 -14.31 -10.57
C2 DMS G . 2.36 -12.23 -9.27
S DMS H . -16.27 -9.98 -5.32
O DMS H . -15.07 -9.16 -5.73
C1 DMS H . -17.55 -9.65 -6.55
C2 DMS H . -15.89 -11.67 -5.81
S DMS I . -11.12 -11.16 15.31
O DMS I . -10.71 -11.86 14.04
C1 DMS I . -12.57 -12.05 15.92
C2 DMS I . -9.99 -11.70 16.60
S DMS J . 0.66 -0.70 -17.82
O DMS J . -0.19 -0.22 -18.97
C1 DMS J . 1.19 -2.37 -18.24
C2 DMS J . 2.26 0.10 -18.00
S DMS K . -14.85 15.08 -17.41
O DMS K . -13.77 15.61 -18.32
C1 DMS K . -15.81 13.89 -18.37
C2 DMS K . -16.12 16.37 -17.30
S DMS L . -5.15 14.53 16.90
O DMS L . -6.49 14.36 16.23
C1 DMS L . -4.24 13.01 16.61
C2 DMS L . -5.40 14.28 18.67
#